data_2D05
#
_entry.id   2D05
#
_cell.length_a   43.300
_cell.length_b   128.100
_cell.length_c   57.800
_cell.angle_alpha   90.00
_cell.angle_beta   90.00
_cell.angle_gamma   90.00
#
_symmetry.space_group_name_H-M   'P 21 21 2'
#
loop_
_entity.id
_entity.type
_entity.pdbx_description
1 polymer Chitosanase
2 non-polymer 'SULFATE ION'
3 water water
#
_entity_poly.entity_id   1
_entity_poly.type   'polypeptide(L)'
_entity_poly.pdbx_seq_one_letter_code
;ASPDDNFSPETLQFLRNNTGLDGEQWNNIMKLINKPEQDDLNWIKYYGYCEDIEDERGYTIGLFGATTGGSRDTHPDGPD
LFKAYDAAKGASNPSADGALKRLGINGKMKGSILEIKDSEKVFCGKIKKLQNDAAWRKAMWETFYNVYIRYSVEQARQRG
FTSAVTIGSFVDTALNQGATGGSDTLQGLLARSGSSSNEKTFMKNFHAKRTLVVDTNPYNKPPNGKNRVKQWDTLVDMGK
MNLKNVDSEIAQVTDWEMK
;
_entity_poly.pdbx_strand_id   A
#
# COMPACT_ATOMS: atom_id res chain seq x y z
N ALA A 1 15.84 -17.65 -3.52
CA ALA A 1 14.71 -16.99 -4.25
C ALA A 1 13.87 -16.22 -3.23
N SER A 2 13.37 -16.96 -2.22
CA SER A 2 12.66 -16.40 -1.06
C SER A 2 11.63 -15.31 -1.26
N PRO A 3 11.39 -14.48 -0.22
CA PRO A 3 10.44 -13.42 -0.46
C PRO A 3 11.11 -12.41 -1.41
N ASP A 4 12.44 -12.44 -1.51
CA ASP A 4 13.16 -11.50 -2.39
C ASP A 4 12.63 -11.47 -3.83
N ASP A 5 12.26 -12.64 -4.36
CA ASP A 5 11.72 -12.74 -5.73
C ASP A 5 10.36 -12.03 -5.91
N ASN A 6 9.72 -11.68 -4.80
CA ASN A 6 8.42 -10.97 -4.84
C ASN A 6 8.58 -9.48 -5.14
N PHE A 7 9.83 -9.01 -5.16
CA PHE A 7 10.14 -7.61 -5.45
C PHE A 7 11.03 -7.60 -6.69
N SER A 8 12.11 -6.83 -6.66
CA SER A 8 13.11 -6.78 -7.74
C SER A 8 14.39 -6.36 -7.02
N PRO A 9 15.55 -6.64 -7.60
CA PRO A 9 16.83 -6.28 -6.96
C PRO A 9 16.95 -4.81 -6.58
N GLU A 10 16.64 -3.94 -7.52
CA GLU A 10 16.71 -2.50 -7.26
C GLU A 10 15.65 -2.06 -6.23
N THR A 11 14.47 -2.66 -6.31
CA THR A 11 13.39 -2.31 -5.37
C THR A 11 13.79 -2.65 -3.94
N LEU A 12 14.41 -3.81 -3.74
CA LEU A 12 14.88 -4.16 -2.41
C LEU A 12 15.93 -3.18 -1.90
N GLN A 13 16.81 -2.71 -2.78
CA GLN A 13 17.83 -1.75 -2.34
C GLN A 13 17.12 -0.47 -1.89
N PHE A 14 16.10 -0.07 -2.65
CA PHE A 14 15.33 1.14 -2.35
C PHE A 14 14.61 1.05 -1.00
N LEU A 15 13.87 -0.05 -0.78
CA LEU A 15 13.15 -0.22 0.48
C LEU A 15 14.11 -0.28 1.66
N ARG A 16 15.19 -1.02 1.49
CA ARG A 16 16.19 -1.14 2.55
C ARG A 16 16.81 0.21 2.94
N ASN A 17 17.22 1.00 1.94
CA ASN A 17 17.85 2.29 2.22
C ASN A 17 16.89 3.31 2.82
N ASN A 18 15.62 3.26 2.43
CA ASN A 18 14.65 4.25 2.91
C ASN A 18 13.72 3.87 4.05
N THR A 19 13.60 2.57 4.34
CA THR A 19 12.72 2.14 5.41
C THR A 19 13.45 1.34 6.46
N GLY A 20 14.61 0.79 6.07
CA GLY A 20 15.43 -0.02 6.97
C GLY A 20 14.97 -1.46 7.15
N LEU A 21 13.98 -1.87 6.37
CA LEU A 21 13.40 -3.20 6.44
C LEU A 21 13.81 -4.04 5.24
N ASP A 22 13.96 -5.35 5.42
CA ASP A 22 14.37 -6.21 4.33
C ASP A 22 13.23 -6.85 3.56
N GLY A 23 13.58 -7.72 2.61
CA GLY A 23 12.57 -8.39 1.81
C GLY A 23 11.59 -9.23 2.61
N GLU A 24 12.08 -10.01 3.58
CA GLU A 24 11.20 -10.83 4.42
C GLU A 24 10.20 -9.96 5.22
N GLN A 25 10.70 -8.86 5.80
CA GLN A 25 9.86 -7.97 6.57
C GLN A 25 8.78 -7.33 5.71
N TRP A 26 9.14 -6.83 4.51
CA TRP A 26 8.16 -6.22 3.64
C TRP A 26 7.17 -7.24 3.09
N ASN A 27 7.64 -8.47 2.90
CA ASN A 27 6.74 -9.50 2.40
C ASN A 27 5.65 -9.79 3.45
N ASN A 28 6.07 -9.87 4.72
CA ASN A 28 5.14 -10.15 5.81
C ASN A 28 4.16 -8.99 5.97
N ILE A 29 4.65 -7.77 5.83
CA ILE A 29 3.80 -6.58 5.90
C ILE A 29 2.74 -6.63 4.81
N MET A 30 3.13 -7.00 3.59
CA MET A 30 2.20 -7.07 2.47
C MET A 30 1.16 -8.17 2.63
N LYS A 31 1.55 -9.26 3.29
CA LYS A 31 0.61 -10.34 3.55
C LYS A 31 -0.48 -9.80 4.50
N LEU A 32 -0.06 -9.14 5.57
CA LEU A 32 -0.99 -8.57 6.54
C LEU A 32 -1.89 -7.49 5.92
N ILE A 33 -1.37 -6.71 4.97
CA ILE A 33 -2.17 -5.66 4.32
C ILE A 33 -3.11 -6.23 3.26
N ASN A 34 -2.61 -7.20 2.49
CA ASN A 34 -3.42 -7.77 1.43
C ASN A 34 -4.60 -8.62 1.92
N LYS A 35 -4.51 -9.15 3.14
CA LYS A 35 -5.60 -9.96 3.70
C LYS A 35 -6.90 -9.10 3.78
N PRO A 36 -6.86 -7.92 4.47
CA PRO A 36 -8.12 -7.16 4.50
C PRO A 36 -8.44 -6.42 3.20
N GLU A 37 -7.46 -6.23 2.34
CA GLU A 37 -7.68 -5.50 1.10
C GLU A 37 -8.23 -6.33 -0.05
N GLN A 38 -7.74 -7.56 -0.18
CA GLN A 38 -8.12 -8.45 -1.26
C GLN A 38 -8.49 -9.86 -0.81
N ASP A 39 -8.38 -10.11 0.50
CA ASP A 39 -8.67 -11.42 1.09
C ASP A 39 -7.82 -12.50 0.39
N ASP A 40 -6.56 -12.16 0.17
CA ASP A 40 -5.65 -13.04 -0.54
C ASP A 40 -4.25 -12.77 -0.06
N LEU A 41 -3.59 -13.77 0.49
CA LEU A 41 -2.23 -13.60 0.97
C LEU A 41 -1.21 -13.58 -0.14
N ASN A 42 -1.60 -14.03 -1.33
CA ASN A 42 -0.69 -14.07 -2.48
C ASN A 42 -0.69 -12.70 -3.16
N TRP A 43 -0.13 -11.73 -2.47
CA TRP A 43 -0.10 -10.33 -2.91
C TRP A 43 0.59 -9.99 -4.24
N ILE A 44 1.57 -10.80 -4.64
CA ILE A 44 2.28 -10.50 -5.90
C ILE A 44 1.39 -10.54 -7.13
N LYS A 45 0.28 -11.25 -7.05
CA LYS A 45 -0.65 -11.29 -8.16
C LYS A 45 -1.25 -9.89 -8.40
N TYR A 46 -1.28 -9.07 -7.35
CA TYR A 46 -1.86 -7.73 -7.43
C TYR A 46 -0.99 -6.63 -8.04
N TYR A 47 0.22 -6.99 -8.44
CA TYR A 47 1.07 -6.04 -9.14
C TYR A 47 0.31 -5.70 -10.43
N GLY A 48 -0.40 -6.68 -10.98
CA GLY A 48 -1.15 -6.46 -12.21
C GLY A 48 -2.65 -6.31 -12.04
N TYR A 49 -3.08 -6.04 -10.80
CA TYR A 49 -4.48 -5.86 -10.49
C TYR A 49 -4.99 -4.62 -11.26
N CYS A 50 -6.15 -4.76 -11.92
CA CYS A 50 -6.72 -3.66 -12.71
C CYS A 50 -8.20 -3.91 -12.82
N GLU A 51 -8.99 -2.94 -12.37
CA GLU A 51 -10.43 -3.11 -12.39
C GLU A 51 -11.18 -1.81 -12.21
N ASP A 52 -12.29 -1.70 -12.93
CA ASP A 52 -13.15 -0.52 -12.81
C ASP A 52 -14.20 -0.96 -11.80
N ILE A 53 -14.08 -0.44 -10.58
CA ILE A 53 -15.00 -0.77 -9.50
C ILE A 53 -16.31 0.04 -9.57
N GLU A 54 -16.53 0.74 -10.68
CA GLU A 54 -17.72 1.58 -10.86
C GLU A 54 -17.76 2.58 -9.71
N ASP A 55 -16.57 3.09 -9.42
CA ASP A 55 -16.26 4.03 -8.36
C ASP A 55 -16.45 5.48 -8.77
N GLU A 56 -16.45 5.70 -10.08
CA GLU A 56 -16.47 7.04 -10.66
C GLU A 56 -15.05 7.61 -10.40
N ARG A 57 -14.08 6.70 -10.26
CA ARG A 57 -12.67 7.04 -10.02
C ARG A 57 -11.77 6.51 -11.13
N GLY A 58 -12.38 5.98 -12.20
CA GLY A 58 -11.63 5.42 -13.29
C GLY A 58 -11.27 3.98 -12.92
N TYR A 59 -10.08 3.53 -13.32
CA TYR A 59 -9.63 2.18 -13.01
C TYR A 59 -8.76 2.17 -11.76
N THR A 60 -8.97 1.16 -10.91
CA THR A 60 -8.15 0.99 -9.74
C THR A 60 -7.04 0.04 -10.19
N ILE A 61 -5.79 0.40 -9.89
CA ILE A 61 -4.63 -0.38 -10.33
C ILE A 61 -3.60 -0.67 -9.26
N GLY A 62 -3.05 -1.88 -9.28
CA GLY A 62 -1.97 -2.21 -8.37
C GLY A 62 -2.23 -2.57 -6.94
N LEU A 63 -1.16 -2.46 -6.14
CA LEU A 63 -1.16 -2.84 -4.73
C LEU A 63 -1.79 -1.95 -3.70
N PHE A 64 -1.84 -0.64 -3.95
CA PHE A 64 -2.33 0.27 -2.93
C PHE A 64 -3.53 1.13 -3.28
N GLY A 65 -4.31 0.69 -4.25
CA GLY A 65 -5.51 1.42 -4.63
C GLY A 65 -5.39 2.68 -5.45
N ALA A 66 -4.34 2.80 -6.26
CA ALA A 66 -4.19 3.98 -7.11
C ALA A 66 -5.27 3.92 -8.19
N THR A 67 -5.80 5.07 -8.60
CA THR A 67 -6.83 5.11 -9.63
C THR A 67 -6.36 5.98 -10.79
N THR A 68 -6.99 5.82 -11.95
CA THR A 68 -6.62 6.63 -13.12
C THR A 68 -7.41 7.94 -13.15
N GLY A 69 -8.46 8.01 -12.32
CA GLY A 69 -9.24 9.23 -12.18
C GLY A 69 -10.59 9.29 -12.88
N GLY A 70 -11.45 10.11 -12.30
CA GLY A 70 -12.79 10.32 -12.84
C GLY A 70 -13.46 11.41 -12.02
N SER A 71 -14.78 11.53 -12.14
CA SER A 71 -15.52 12.58 -11.40
C SER A 71 -15.31 12.57 -9.88
N ARG A 72 -15.31 11.39 -9.27
CA ARG A 72 -15.14 11.30 -7.84
C ARG A 72 -13.70 11.23 -7.35
N ASP A 73 -12.74 11.34 -8.26
CA ASP A 73 -11.33 11.32 -7.86
C ASP A 73 -10.59 12.13 -8.92
N THR A 74 -10.46 13.42 -8.62
CA THR A 74 -9.81 14.36 -9.52
C THR A 74 -8.30 14.57 -9.24
N HIS A 75 -7.77 13.96 -8.18
CA HIS A 75 -6.33 14.02 -7.85
C HIS A 75 -5.82 12.60 -7.73
N PRO A 76 -6.03 11.78 -8.76
CA PRO A 76 -5.58 10.38 -8.70
C PRO A 76 -4.07 10.21 -8.67
N ASP A 77 -3.63 9.09 -8.13
CA ASP A 77 -2.22 8.78 -8.02
C ASP A 77 -1.76 7.91 -9.19
N GLY A 78 -2.72 7.48 -10.00
CA GLY A 78 -2.43 6.67 -11.17
C GLY A 78 -1.43 7.34 -12.10
N PRO A 79 -1.65 8.63 -12.48
CA PRO A 79 -0.70 9.30 -13.37
C PRO A 79 0.73 9.23 -12.82
N ASP A 80 0.87 9.37 -11.50
CA ASP A 80 2.17 9.32 -10.89
C ASP A 80 2.83 7.96 -11.01
N LEU A 81 2.00 6.92 -10.96
CA LEU A 81 2.50 5.55 -11.09
C LEU A 81 3.06 5.32 -12.50
N PHE A 82 2.30 5.69 -13.53
CA PHE A 82 2.73 5.54 -14.91
C PHE A 82 3.96 6.38 -15.22
N LYS A 83 4.03 7.58 -14.66
CA LYS A 83 5.20 8.42 -14.87
C LYS A 83 6.45 7.72 -14.30
N ALA A 84 6.32 7.15 -13.10
CA ALA A 84 7.44 6.45 -12.45
C ALA A 84 7.87 5.24 -13.28
N TYR A 85 6.92 4.59 -13.95
CA TYR A 85 7.23 3.45 -14.82
C TYR A 85 8.06 3.91 -16.05
N ASP A 86 7.70 5.06 -16.63
CA ASP A 86 8.40 5.62 -17.77
C ASP A 86 9.82 6.00 -17.33
N ALA A 87 9.96 6.51 -16.10
CA ALA A 87 11.29 6.87 -15.59
C ALA A 87 12.14 5.59 -15.35
N ALA A 88 11.51 4.53 -14.85
CA ALA A 88 12.21 3.28 -14.58
C ALA A 88 12.65 2.63 -15.87
N LYS A 89 11.94 2.88 -16.95
CA LYS A 89 12.31 2.33 -18.25
C LYS A 89 13.42 3.15 -18.92
N GLY A 90 13.84 4.21 -18.26
CA GLY A 90 14.93 5.04 -18.78
C GLY A 90 14.65 6.36 -19.46
N ALA A 91 13.40 6.85 -19.45
CA ALA A 91 13.06 8.13 -20.10
C ALA A 91 13.74 9.33 -19.45
N SER A 92 14.21 10.27 -20.28
CA SER A 92 14.88 11.47 -19.79
C SER A 92 13.85 12.53 -19.35
N ASN A 93 12.65 12.44 -19.90
CA ASN A 93 11.57 13.34 -19.54
C ASN A 93 10.37 12.42 -19.29
N PRO A 94 10.40 11.69 -18.18
CA PRO A 94 9.31 10.77 -17.87
C PRO A 94 7.95 11.43 -17.73
N SER A 95 6.94 10.77 -18.27
CA SER A 95 5.57 11.27 -18.16
C SER A 95 4.60 10.11 -18.25
N ALA A 96 3.38 10.36 -17.77
CA ALA A 96 2.32 9.36 -17.85
C ALA A 96 2.04 9.05 -19.33
N ASP A 97 2.03 10.10 -20.14
CA ASP A 97 1.75 9.91 -21.58
C ASP A 97 2.80 9.01 -22.21
N GLY A 98 4.06 9.21 -21.82
CA GLY A 98 5.15 8.40 -22.35
C GLY A 98 5.00 6.93 -22.01
N ALA A 99 4.54 6.67 -20.79
CA ALA A 99 4.33 5.33 -20.31
C ALA A 99 3.20 4.62 -21.12
N LEU A 100 2.09 5.32 -21.32
CA LEU A 100 0.98 4.72 -22.06
C LEU A 100 1.42 4.42 -23.51
N LYS A 101 2.27 5.26 -24.09
CA LYS A 101 2.75 5.01 -25.45
C LYS A 101 3.62 3.76 -25.52
N ARG A 102 4.49 3.59 -24.51
CA ARG A 102 5.37 2.41 -24.46
C ARG A 102 4.54 1.15 -24.43
N LEU A 103 3.45 1.24 -23.67
CA LEU A 103 2.54 0.13 -23.47
C LEU A 103 1.56 -0.08 -24.59
N GLY A 104 1.48 0.89 -25.51
CA GLY A 104 0.54 0.77 -26.60
C GLY A 104 -0.90 0.96 -26.14
N ILE A 105 -1.07 1.75 -25.09
CA ILE A 105 -2.39 2.05 -24.57
C ILE A 105 -2.90 3.33 -25.19
N ASN A 106 -4.15 3.32 -25.67
CA ASN A 106 -4.74 4.50 -26.28
C ASN A 106 -5.36 5.35 -25.18
N GLY A 107 -4.60 6.32 -24.71
CA GLY A 107 -5.07 7.21 -23.66
C GLY A 107 -4.09 8.35 -23.46
N LYS A 108 -4.42 9.27 -22.57
CA LYS A 108 -3.55 10.39 -22.30
C LYS A 108 -4.06 11.20 -21.13
N MET A 109 -3.17 12.03 -20.59
CA MET A 109 -3.50 12.92 -19.51
C MET A 109 -4.34 14.09 -19.98
N LYS A 110 -5.45 14.33 -19.30
CA LYS A 110 -6.33 15.44 -19.59
C LYS A 110 -6.46 16.07 -18.22
N GLY A 111 -5.69 17.14 -17.98
CA GLY A 111 -5.71 17.80 -16.70
C GLY A 111 -4.89 16.94 -15.74
N SER A 112 -5.49 16.53 -14.63
CA SER A 112 -4.80 15.68 -13.66
C SER A 112 -5.35 14.24 -13.62
N ILE A 113 -6.14 13.91 -14.64
CA ILE A 113 -6.79 12.63 -14.82
C ILE A 113 -6.27 11.94 -16.08
N LEU A 114 -6.34 10.60 -16.11
CA LEU A 114 -5.94 9.84 -17.27
C LEU A 114 -7.23 9.50 -18.01
N GLU A 115 -7.30 9.86 -19.29
CA GLU A 115 -8.46 9.54 -20.10
C GLU A 115 -8.04 8.34 -20.95
N ILE A 116 -8.63 7.17 -20.67
CA ILE A 116 -8.31 5.95 -21.42
C ILE A 116 -9.44 5.68 -22.41
N LYS A 117 -9.09 5.50 -23.68
CA LYS A 117 -10.08 5.24 -24.73
C LYS A 117 -10.26 3.73 -24.97
N ASP A 118 -9.26 2.93 -24.61
CA ASP A 118 -9.35 1.47 -24.75
C ASP A 118 -10.38 0.93 -23.78
N SER A 119 -10.97 -0.23 -24.12
CA SER A 119 -11.95 -0.90 -23.25
C SER A 119 -11.23 -1.43 -22.01
N GLU A 120 -12.00 -1.81 -20.99
CA GLU A 120 -11.41 -2.35 -19.76
C GLU A 120 -10.63 -3.63 -20.05
N LYS A 121 -11.17 -4.46 -20.93
CA LYS A 121 -10.57 -5.72 -21.31
C LYS A 121 -9.17 -5.52 -21.91
N VAL A 122 -9.08 -4.58 -22.84
CA VAL A 122 -7.82 -4.27 -23.48
C VAL A 122 -6.87 -3.57 -22.49
N PHE A 123 -7.35 -2.50 -21.85
CA PHE A 123 -6.51 -1.75 -20.89
C PHE A 123 -5.98 -2.62 -19.75
N CYS A 124 -6.87 -3.24 -19.00
CA CYS A 124 -6.47 -4.10 -17.90
C CYS A 124 -5.69 -5.33 -18.35
N GLY A 125 -5.88 -5.76 -19.60
CA GLY A 125 -5.17 -6.91 -20.14
C GLY A 125 -3.69 -6.58 -20.25
N LYS A 126 -3.40 -5.33 -20.58
CA LYS A 126 -2.01 -4.91 -20.68
C LYS A 126 -1.40 -4.76 -19.29
N ILE A 127 -2.19 -4.29 -18.32
CA ILE A 127 -1.67 -4.12 -16.96
C ILE A 127 -1.34 -5.46 -16.31
N LYS A 128 -2.22 -6.44 -16.52
CA LYS A 128 -2.04 -7.78 -16.00
C LYS A 128 -0.70 -8.36 -16.43
N LYS A 129 -0.28 -8.08 -17.66
CA LYS A 129 0.98 -8.57 -18.20
C LYS A 129 2.23 -7.96 -17.56
N LEU A 130 2.05 -6.92 -16.75
CA LEU A 130 3.16 -6.23 -16.10
C LEU A 130 3.52 -6.80 -14.74
N GLN A 131 2.78 -7.81 -14.32
CA GLN A 131 2.99 -8.43 -13.02
C GLN A 131 4.44 -8.82 -12.74
N ASN A 132 5.16 -9.31 -13.75
CA ASN A 132 6.57 -9.70 -13.55
C ASN A 132 7.57 -8.78 -14.25
N ASP A 133 7.15 -7.55 -14.53
CA ASP A 133 8.01 -6.56 -15.17
C ASP A 133 8.71 -5.87 -14.00
N ALA A 134 10.03 -6.00 -13.93
CA ALA A 134 10.83 -5.42 -12.86
C ALA A 134 10.70 -3.90 -12.74
N ALA A 135 10.58 -3.22 -13.88
CA ALA A 135 10.46 -1.76 -13.87
C ALA A 135 9.07 -1.37 -13.35
N TRP A 136 8.04 -2.15 -13.69
CA TRP A 136 6.69 -1.86 -13.18
C TRP A 136 6.68 -2.07 -11.65
N ARG A 137 7.24 -3.19 -11.17
CA ARG A 137 7.31 -3.42 -9.73
C ARG A 137 8.09 -2.30 -9.03
N LYS A 138 9.17 -1.83 -9.63
CA LYS A 138 9.93 -0.73 -9.02
C LYS A 138 9.07 0.54 -8.95
N ALA A 139 8.40 0.84 -10.06
CA ALA A 139 7.54 2.03 -10.17
C ALA A 139 6.41 1.93 -9.13
N MET A 140 5.88 0.72 -8.97
CA MET A 140 4.80 0.46 -8.03
C MET A 140 5.23 0.78 -6.60
N TRP A 141 6.41 0.30 -6.21
CA TRP A 141 6.93 0.54 -4.86
C TRP A 141 7.40 1.97 -4.62
N GLU A 142 7.97 2.59 -5.65
CA GLU A 142 8.44 3.98 -5.54
C GLU A 142 7.20 4.88 -5.30
N THR A 143 6.11 4.58 -6.00
CA THR A 143 4.86 5.36 -5.87
C THR A 143 4.20 5.09 -4.52
N PHE A 144 4.15 3.82 -4.11
CA PHE A 144 3.61 3.40 -2.82
C PHE A 144 4.34 4.20 -1.75
N TYR A 145 5.66 4.30 -1.90
CA TYR A 145 6.51 5.04 -0.98
C TYR A 145 6.17 6.53 -0.94
N ASN A 146 6.09 7.18 -2.11
CA ASN A 146 5.75 8.61 -2.15
C ASN A 146 4.33 8.92 -1.62
N VAL A 147 3.38 8.04 -1.89
CA VAL A 147 1.99 8.23 -1.45
C VAL A 147 1.73 7.91 0.06
N TYR A 148 2.23 6.77 0.53
CA TYR A 148 1.99 6.36 1.92
C TYR A 148 3.14 5.99 2.82
N ILE A 149 4.13 5.27 2.29
CA ILE A 149 5.21 4.78 3.12
C ILE A 149 6.17 5.81 3.71
N ARG A 150 6.59 6.78 2.89
CA ARG A 150 7.53 7.77 3.40
C ARG A 150 7.00 8.49 4.64
N TYR A 151 5.71 8.85 4.60
CA TYR A 151 5.09 9.57 5.71
C TYR A 151 5.04 8.68 6.96
N SER A 152 4.64 7.43 6.76
CA SER A 152 4.57 6.44 7.84
C SER A 152 5.92 6.24 8.49
N VAL A 153 6.94 6.03 7.68
CA VAL A 153 8.29 5.88 8.21
C VAL A 153 8.74 7.13 8.96
N GLU A 154 8.44 8.32 8.44
CA GLU A 154 8.84 9.56 9.14
C GLU A 154 8.14 9.68 10.51
N GLN A 155 6.88 9.30 10.58
CA GLN A 155 6.17 9.40 11.85
C GLN A 155 6.77 8.42 12.88
N ALA A 156 7.19 7.26 12.40
CA ALA A 156 7.80 6.26 13.29
C ALA A 156 9.18 6.80 13.76
N ARG A 157 9.99 7.27 12.82
CA ARG A 157 11.32 7.78 13.17
C ARG A 157 11.32 8.96 14.13
N GLN A 158 10.36 9.85 13.93
CA GLN A 158 10.20 11.05 14.75
C GLN A 158 10.02 10.67 16.23
N ARG A 159 9.41 9.51 16.48
CA ARG A 159 9.18 9.02 17.84
C ARG A 159 10.22 8.00 18.30
N GLY A 160 11.20 7.72 17.44
CA GLY A 160 12.26 6.79 17.77
C GLY A 160 11.82 5.33 17.68
N PHE A 161 10.84 5.08 16.82
CA PHE A 161 10.31 3.72 16.61
C PHE A 161 10.75 3.30 15.20
N THR A 162 11.29 2.11 15.05
CA THR A 162 11.74 1.67 13.72
C THR A 162 11.41 0.22 13.44
N SER A 163 10.57 -0.38 14.27
CA SER A 163 10.24 -1.78 14.06
C SER A 163 9.35 -2.03 12.85
N ALA A 164 9.40 -3.25 12.36
CA ALA A 164 8.62 -3.63 11.19
C ALA A 164 7.11 -3.59 11.47
N VAL A 165 6.72 -3.96 12.69
CA VAL A 165 5.31 -3.94 13.00
C VAL A 165 4.77 -2.49 13.07
N THR A 166 5.55 -1.58 13.65
CA THR A 166 5.13 -0.20 13.77
C THR A 166 4.95 0.44 12.41
N ILE A 167 5.97 0.27 11.55
CA ILE A 167 5.90 0.81 10.19
C ILE A 167 4.76 0.18 9.41
N GLY A 168 4.62 -1.14 9.49
CA GLY A 168 3.56 -1.79 8.72
C GLY A 168 2.16 -1.35 9.18
N SER A 169 1.98 -1.24 10.48
CA SER A 169 0.70 -0.81 11.06
C SER A 169 0.39 0.61 10.65
N PHE A 170 1.40 1.49 10.67
CA PHE A 170 1.17 2.87 10.24
C PHE A 170 0.78 2.89 8.76
N VAL A 171 1.46 2.08 7.94
CA VAL A 171 1.20 2.02 6.51
C VAL A 171 -0.23 1.53 6.23
N ASP A 172 -0.64 0.49 6.95
CA ASP A 172 -2.00 -0.04 6.77
C ASP A 172 -3.06 1.03 7.10
N THR A 173 -2.75 1.83 8.12
CA THR A 173 -3.66 2.91 8.55
C THR A 173 -3.73 4.01 7.49
N ALA A 174 -2.57 4.40 6.97
CA ALA A 174 -2.49 5.45 5.95
C ALA A 174 -3.19 5.01 4.67
N LEU A 175 -2.89 3.80 4.23
CA LEU A 175 -3.48 3.27 3.01
C LEU A 175 -5.00 3.19 3.12
N ASN A 176 -5.48 2.70 4.26
CA ASN A 176 -6.91 2.47 4.48
C ASN A 176 -7.75 3.71 4.84
N GLN A 177 -7.18 4.56 5.67
CA GLN A 177 -7.86 5.76 6.17
C GLN A 177 -7.27 7.10 5.74
N GLY A 178 -6.13 7.09 5.04
CA GLY A 178 -5.51 8.34 4.61
C GLY A 178 -4.36 8.71 5.52
N ALA A 179 -3.33 9.33 4.94
CA ALA A 179 -2.15 9.74 5.71
C ALA A 179 -2.36 10.98 6.57
N THR A 180 -2.86 12.04 5.95
CA THR A 180 -3.07 13.32 6.62
C THR A 180 -4.44 13.88 6.34
N GLY A 181 -4.83 14.85 7.15
CA GLY A 181 -6.14 15.46 6.99
C GLY A 181 -6.95 15.34 8.26
N GLY A 182 -8.12 14.72 8.16
CA GLY A 182 -9.00 14.59 9.31
C GLY A 182 -8.54 13.79 10.52
N SER A 183 -9.39 13.80 11.54
CA SER A 183 -9.10 13.12 12.79
C SER A 183 -9.05 11.61 12.65
N ASP A 184 -9.53 11.06 11.52
CA ASP A 184 -9.54 9.61 11.29
C ASP A 184 -8.32 9.10 10.49
N THR A 185 -7.46 10.02 10.02
CA THR A 185 -6.29 9.63 9.25
C THR A 185 -5.18 9.19 10.19
N LEU A 186 -4.05 8.73 9.62
CA LEU A 186 -2.90 8.34 10.42
C LEU A 186 -2.48 9.55 11.26
N GLN A 187 -2.40 10.72 10.63
CA GLN A 187 -2.01 11.93 11.32
C GLN A 187 -2.94 12.23 12.52
N GLY A 188 -4.24 12.09 12.30
CA GLY A 188 -5.23 12.36 13.34
C GLY A 188 -5.21 11.38 14.49
N LEU A 189 -5.09 10.10 14.17
CA LEU A 189 -5.01 9.06 15.18
C LEU A 189 -3.78 9.22 16.08
N LEU A 190 -2.63 9.53 15.46
CA LEU A 190 -1.37 9.72 16.19
C LEU A 190 -1.47 10.88 17.16
N ALA A 191 -2.16 11.93 16.74
CA ALA A 191 -2.34 13.11 17.59
C ALA A 191 -3.06 12.76 18.88
N ARG A 192 -3.81 11.66 18.89
CA ARG A 192 -4.51 11.27 20.10
C ARG A 192 -4.10 9.95 20.71
N SER A 193 -2.93 9.45 20.33
CA SER A 193 -2.43 8.19 20.86
C SER A 193 -1.47 8.37 22.05
N GLY A 194 -1.28 9.60 22.49
CA GLY A 194 -0.41 9.85 23.63
C GLY A 194 1.04 10.10 23.26
N SER A 195 1.91 10.06 24.27
CA SER A 195 3.31 10.35 24.05
C SER A 195 4.31 9.39 24.70
N SER A 196 3.91 8.13 24.85
CA SER A 196 4.77 7.10 25.46
C SER A 196 6.03 6.83 24.63
N SER A 197 7.18 6.71 25.30
CA SER A 197 8.42 6.43 24.57
C SER A 197 8.67 4.91 24.50
N ASN A 198 7.75 4.13 25.07
CA ASN A 198 7.83 2.68 25.02
C ASN A 198 7.05 2.32 23.77
N GLU A 199 7.73 1.73 22.79
CA GLU A 199 7.10 1.37 21.51
C GLU A 199 5.90 0.46 21.63
N LYS A 200 5.98 -0.52 22.54
CA LYS A 200 4.88 -1.48 22.70
C LYS A 200 3.64 -0.80 23.28
N THR A 201 3.83 0.02 24.31
CA THR A 201 2.74 0.76 24.96
C THR A 201 2.09 1.72 23.95
N PHE A 202 2.92 2.44 23.19
CA PHE A 202 2.39 3.37 22.21
C PHE A 202 1.53 2.68 21.17
N MET A 203 2.03 1.57 20.63
CA MET A 203 1.30 0.88 19.60
C MET A 203 -0.01 0.28 20.10
N LYS A 204 -0.02 -0.12 21.38
CA LYS A 204 -1.23 -0.67 22.01
C LYS A 204 -2.30 0.45 22.09
N ASN A 205 -1.86 1.64 22.48
CA ASN A 205 -2.77 2.79 22.58
C ASN A 205 -3.23 3.22 21.18
N PHE A 206 -2.30 3.24 20.22
CA PHE A 206 -2.61 3.61 18.84
C PHE A 206 -3.68 2.65 18.28
N HIS A 207 -3.43 1.34 18.43
CA HIS A 207 -4.39 0.34 17.95
C HIS A 207 -5.79 0.47 18.57
N ALA A 208 -5.83 0.79 19.86
CA ALA A 208 -7.09 0.98 20.57
C ALA A 208 -7.82 2.19 19.94
N LYS A 209 -7.08 3.27 19.70
CA LYS A 209 -7.68 4.45 19.09
C LYS A 209 -8.18 4.18 17.68
N ARG A 210 -7.41 3.40 16.92
CA ARG A 210 -7.81 3.06 15.55
C ARG A 210 -9.07 2.19 15.52
N THR A 211 -9.18 1.27 16.47
CA THR A 211 -10.32 0.37 16.55
C THR A 211 -11.66 1.11 16.68
N LEU A 212 -11.61 2.31 17.25
CA LEU A 212 -12.80 3.15 17.42
C LEU A 212 -13.39 3.64 16.11
N VAL A 213 -12.53 3.87 15.11
CA VAL A 213 -13.00 4.38 13.83
C VAL A 213 -12.85 3.50 12.60
N VAL A 214 -12.06 2.43 12.72
CA VAL A 214 -11.76 1.56 11.59
C VAL A 214 -12.97 0.90 10.90
N ASP A 215 -14.04 0.67 11.64
CA ASP A 215 -15.22 0.08 11.01
C ASP A 215 -16.26 1.09 10.53
N THR A 216 -15.86 2.37 10.49
CA THR A 216 -16.73 3.44 10.01
C THR A 216 -16.70 3.40 8.48
N ASN A 217 -17.82 3.74 7.86
CA ASN A 217 -17.91 3.80 6.41
C ASN A 217 -17.02 4.98 6.01
N PRO A 218 -16.28 4.88 4.89
CA PRO A 218 -16.12 3.81 3.91
C PRO A 218 -14.85 2.98 4.09
N TYR A 219 -14.20 3.09 5.25
CA TYR A 219 -12.95 2.36 5.51
C TYR A 219 -13.03 0.85 5.40
N ASN A 220 -13.99 0.25 6.10
CA ASN A 220 -14.19 -1.20 6.09
C ASN A 220 -15.63 -1.57 6.48
N LYS A 221 -16.03 -2.79 6.11
CA LYS A 221 -17.33 -3.34 6.44
C LYS A 221 -17.07 -4.08 7.77
N PRO A 222 -17.83 -3.76 8.84
CA PRO A 222 -17.58 -4.45 10.10
C PRO A 222 -17.83 -5.95 9.94
N PRO A 223 -17.06 -6.78 10.65
CA PRO A 223 -16.01 -6.38 11.56
C PRO A 223 -14.62 -6.51 10.93
N ASN A 224 -14.53 -6.35 9.61
CA ASN A 224 -13.28 -6.47 8.88
C ASN A 224 -12.23 -5.47 9.39
N GLY A 225 -12.68 -4.27 9.75
CA GLY A 225 -11.76 -3.26 10.25
C GLY A 225 -11.21 -3.66 11.61
N LYS A 226 -12.09 -4.17 12.47
CA LYS A 226 -11.70 -4.61 13.80
C LYS A 226 -10.67 -5.72 13.66
N ASN A 227 -10.93 -6.62 12.73
CA ASN A 227 -10.04 -7.74 12.48
C ASN A 227 -8.71 -7.35 11.88
N ARG A 228 -8.69 -6.35 11.00
CA ARG A 228 -7.42 -5.96 10.41
C ARG A 228 -6.50 -5.32 11.44
N VAL A 229 -7.07 -4.53 12.35
CA VAL A 229 -6.31 -3.89 13.39
C VAL A 229 -5.79 -4.94 14.40
N LYS A 230 -6.66 -5.91 14.70
CA LYS A 230 -6.33 -6.98 15.63
C LYS A 230 -5.10 -7.79 15.15
N GLN A 231 -4.91 -7.89 13.85
CA GLN A 231 -3.75 -8.60 13.30
C GLN A 231 -2.47 -8.03 13.83
N TRP A 232 -2.34 -6.70 13.77
CA TRP A 232 -1.15 -5.97 14.21
C TRP A 232 -0.99 -5.98 15.71
N ASP A 233 -2.10 -5.74 16.41
CA ASP A 233 -2.07 -5.71 17.86
C ASP A 233 -1.68 -7.08 18.44
N THR A 234 -2.09 -8.16 17.79
CA THR A 234 -1.74 -9.50 18.25
C THR A 234 -0.23 -9.72 18.14
N LEU A 235 0.40 -9.17 17.10
CA LEU A 235 1.87 -9.33 16.90
C LEU A 235 2.62 -8.56 17.96
N VAL A 236 2.04 -7.44 18.40
CA VAL A 236 2.65 -6.66 19.46
C VAL A 236 2.58 -7.47 20.78
N ASP A 237 1.41 -8.03 21.06
CA ASP A 237 1.22 -8.82 22.29
C ASP A 237 2.20 -9.99 22.31
N MET A 238 2.45 -10.60 21.15
CA MET A 238 3.36 -11.73 21.08
C MET A 238 4.83 -11.33 21.02
N GLY A 239 5.10 -10.03 20.99
CA GLY A 239 6.48 -9.55 20.93
C GLY A 239 7.20 -9.88 19.63
N LYS A 240 6.45 -10.02 18.54
CA LYS A 240 7.05 -10.33 17.23
C LYS A 240 7.18 -9.02 16.44
N MET A 241 7.80 -8.03 17.06
CA MET A 241 8.00 -6.70 16.45
C MET A 241 8.88 -6.65 15.18
N ASN A 242 9.83 -7.59 15.09
CA ASN A 242 10.77 -7.62 13.97
C ASN A 242 10.24 -8.26 12.68
N LEU A 243 9.10 -8.95 12.76
CA LEU A 243 8.51 -9.61 11.60
C LEU A 243 9.47 -10.50 10.80
N LYS A 244 10.34 -11.23 11.49
CA LYS A 244 11.24 -12.14 10.79
C LYS A 244 11.07 -13.51 11.47
N ASN A 245 11.06 -14.56 10.65
CA ASN A 245 10.85 -15.93 11.13
C ASN A 245 9.52 -16.07 11.85
N VAL A 246 8.47 -15.52 11.23
CA VAL A 246 7.13 -15.54 11.78
C VAL A 246 6.11 -16.12 10.82
N ASP A 247 6.53 -17.02 9.92
CA ASP A 247 5.60 -17.58 8.95
C ASP A 247 4.37 -18.18 9.61
N SER A 248 4.59 -18.92 10.68
CA SER A 248 3.49 -19.57 11.39
C SER A 248 2.54 -18.54 12.06
N GLU A 249 3.12 -17.56 12.73
CA GLU A 249 2.32 -16.52 13.37
C GLU A 249 1.48 -15.76 12.34
N ILE A 250 2.05 -15.49 11.16
CA ILE A 250 1.32 -14.77 10.11
C ILE A 250 0.14 -15.58 9.61
N ALA A 251 0.28 -16.90 9.51
CA ALA A 251 -0.82 -17.75 9.06
C ALA A 251 -1.94 -17.73 10.09
N GLN A 252 -1.57 -17.68 11.37
CA GLN A 252 -2.55 -17.65 12.44
C GLN A 252 -3.29 -16.32 12.57
N VAL A 253 -2.58 -15.19 12.56
CA VAL A 253 -3.25 -13.90 12.71
C VAL A 253 -4.10 -13.52 11.52
N THR A 254 -3.83 -14.06 10.34
CA THR A 254 -4.65 -13.72 9.19
C THR A 254 -5.79 -14.75 9.01
N ASP A 255 -5.81 -15.76 9.89
CA ASP A 255 -6.84 -16.80 9.83
C ASP A 255 -8.20 -16.30 10.36
N TRP A 256 -8.88 -15.48 9.56
CA TRP A 256 -10.19 -14.93 9.89
C TRP A 256 -11.01 -14.71 8.61
N GLU A 257 -12.33 -14.77 8.75
CA GLU A 257 -13.20 -14.63 7.59
C GLU A 257 -13.64 -13.19 7.30
N MET A 258 -13.48 -12.80 6.04
CA MET A 258 -13.87 -11.47 5.57
C MET A 258 -15.37 -11.36 5.40
N LYS A 259 -15.91 -10.31 6.01
CA LYS A 259 -17.33 -9.94 6.02
C LYS A 259 -18.15 -10.90 6.86
#